data_8VZ6
#
_entry.id   8VZ6
#
_cell.length_a   1.00
_cell.length_b   1.00
_cell.length_c   1.00
_cell.angle_alpha   90.00
_cell.angle_beta   90.00
_cell.angle_gamma   90.00
#
_symmetry.space_group_name_H-M   'P 1'
#
loop_
_entity.id
_entity.type
_entity.pdbx_description
1 polymer 'Abi family protein'
2 polymer 'AbiF ncRNA'
#
loop_
_entity_poly.entity_id
_entity_poly.type
_entity_poly.pdbx_seq_one_letter_code
_entity_poly.pdbx_strand_id
1 'polypeptide(L)'
;MSNRIPFPKPYTSAHDLVSLLQSRGLTIADTAKTERYLEFIGYYRLSAYMYPLLQMPKEQHRYKPNTTFDQVMMLYRFDK
KLRLLIFNEIEKIEVAVRSAIVNIGSDMIGSPFWMTDGSNFIDPRKFRHTMDLIDAELGRSREDFIVHFKQTYSDAYPPA
WILAEVLPFGVITNIFSNIKTARIKKSIARKFGLQVAPFESWLTIVALTRNSCCHHARVWNKQNTIRPMIPNRMTGRWII
LPTDALRIYFNLCIIKYFLDIISPQNDMKAKIDALLSSYSSIDINAMGFPRGWESEPLWQ
;
A,B
2 'polyribonucleotide' ACUAGAACCCGCCAAGCCUCUCAACGAUGCUCAAAUGUGCGGGUCGUUUU R,S
#
# COMPACT_ATOMS: atom_id res chain seq x y z
N ARG A 4 -11.52 34.04 16.00
CA ARG A 4 -10.32 33.38 15.48
C ARG A 4 -9.62 34.28 14.45
N ILE A 5 -8.30 34.17 14.41
CA ILE A 5 -7.40 35.08 13.71
C ILE A 5 -7.47 34.84 12.20
N PRO A 6 -7.47 35.87 11.36
CA PRO A 6 -7.26 35.63 9.92
C PRO A 6 -5.82 35.24 9.61
N PHE A 7 -5.67 34.37 8.63
CA PHE A 7 -4.36 33.77 8.31
C PHE A 7 -3.49 34.77 7.57
N PRO A 8 -2.33 35.14 8.10
CA PRO A 8 -1.54 36.23 7.53
C PRO A 8 -0.44 35.83 6.56
N LYS A 9 -0.29 34.54 6.24
CA LYS A 9 0.88 34.21 5.43
C LYS A 9 0.49 34.05 3.97
N PRO A 10 1.29 34.57 3.04
CA PRO A 10 1.04 34.37 1.61
C PRO A 10 1.68 33.08 1.14
N TYR A 11 1.46 32.78 -0.15
CA TYR A 11 2.30 31.80 -0.81
C TYR A 11 3.71 32.35 -0.95
N THR A 12 4.68 31.55 -0.56
CA THR A 12 6.09 31.90 -0.72
C THR A 12 6.67 31.01 -1.80
N SER A 13 7.27 31.62 -2.82
CA SER A 13 7.85 30.89 -3.94
C SER A 13 9.07 30.10 -3.50
N ALA A 14 9.44 29.11 -4.32
CA ALA A 14 10.54 28.21 -4.00
C ALA A 14 11.91 28.88 -3.97
N HIS A 15 12.06 30.07 -4.55
CA HIS A 15 13.31 30.83 -4.43
C HIS A 15 13.37 31.59 -3.11
N ASP A 16 12.26 32.26 -2.77
CA ASP A 16 12.14 32.99 -1.51
C ASP A 16 12.15 32.04 -0.32
N LEU A 17 11.74 30.79 -0.51
CA LEU A 17 11.85 29.81 0.56
C LEU A 17 13.30 29.44 0.87
N VAL A 18 14.17 29.33 -0.14
CA VAL A 18 15.60 29.11 0.14
C VAL A 18 16.22 30.35 0.77
N SER A 19 15.80 31.55 0.33
CA SER A 19 16.27 32.78 0.98
C SER A 19 15.82 32.86 2.44
N LEU A 20 14.58 32.44 2.71
CA LEU A 20 14.04 32.41 4.06
C LEU A 20 14.74 31.37 4.92
N LEU A 21 14.91 30.14 4.39
CA LEU A 21 15.60 29.07 5.10
C LEU A 21 17.05 29.40 5.40
N GLN A 22 17.72 30.11 4.50
CA GLN A 22 19.07 30.57 4.80
C GLN A 22 19.06 31.70 5.81
N SER A 23 17.97 32.48 5.89
CA SER A 23 17.86 33.45 6.97
C SER A 23 17.56 32.80 8.32
N ARG A 24 16.99 31.59 8.34
CA ARG A 24 16.74 30.88 9.61
C ARG A 24 17.96 30.11 10.13
N GLY A 25 19.08 30.11 9.40
CA GLY A 25 20.29 29.47 9.88
C GLY A 25 20.59 28.10 9.30
N LEU A 26 19.74 27.59 8.41
CA LEU A 26 19.99 26.29 7.80
C LEU A 26 21.04 26.42 6.71
N THR A 27 22.10 25.62 6.81
CA THR A 27 23.15 25.63 5.79
C THR A 27 22.69 24.82 4.59
N ILE A 28 22.78 25.44 3.40
CA ILE A 28 22.26 24.87 2.17
C ILE A 28 23.35 24.92 1.10
N ALA A 29 23.58 23.77 0.46
CA ALA A 29 24.59 23.66 -0.59
C ALA A 29 23.98 22.92 -1.77
N ASP A 30 24.55 23.20 -2.95
CA ASP A 30 24.02 22.77 -4.26
C ASP A 30 22.56 23.20 -4.42
N THR A 31 22.38 24.53 -4.45
CA THR A 31 21.10 25.20 -4.22
C THR A 31 20.03 24.87 -5.27
N ALA A 32 20.45 24.50 -6.49
CA ALA A 32 19.51 24.06 -7.53
C ALA A 32 18.79 22.78 -7.13
N LYS A 33 19.50 21.85 -6.48
CA LYS A 33 18.89 20.62 -5.99
C LYS A 33 17.88 20.91 -4.88
N THR A 34 18.19 21.86 -3.99
CA THR A 34 17.25 22.19 -2.92
C THR A 34 16.02 22.90 -3.44
N GLU A 35 16.18 23.75 -4.47
CA GLU A 35 15.02 24.35 -5.13
C GLU A 35 14.18 23.30 -5.84
N ARG A 36 14.84 22.31 -6.45
CA ARG A 36 14.12 21.24 -7.14
C ARG A 36 13.36 20.34 -6.16
N TYR A 37 13.94 20.07 -4.98
CA TYR A 37 13.22 19.33 -3.95
C TYR A 37 12.07 20.15 -3.37
N LEU A 38 12.25 21.46 -3.19
CA LEU A 38 11.16 22.30 -2.70
C LEU A 38 10.04 22.43 -3.73
N GLU A 39 10.35 22.35 -5.03
CA GLU A 39 9.29 22.32 -6.02
C GLU A 39 8.58 20.97 -6.10
N PHE A 40 9.33 19.87 -6.10
CA PHE A 40 8.70 18.56 -6.34
C PHE A 40 8.25 17.84 -5.08
N ILE A 41 8.96 17.95 -3.96
CA ILE A 41 8.46 17.34 -2.73
C ILE A 41 7.63 18.34 -1.93
N GLY A 42 8.03 19.60 -1.90
CA GLY A 42 7.21 20.62 -1.25
C GLY A 42 7.79 21.04 0.09
N TYR A 43 7.52 22.30 0.45
CA TYR A 43 8.01 22.85 1.70
C TYR A 43 7.34 22.21 2.90
N TYR A 44 6.00 22.23 2.93
CA TYR A 44 5.28 21.88 4.16
C TYR A 44 5.28 20.38 4.42
N ARG A 45 5.46 19.57 3.38
CA ARG A 45 5.72 18.15 3.61
C ARG A 45 7.06 17.94 4.31
N LEU A 46 8.09 18.65 3.83
CA LEU A 46 9.41 18.54 4.44
C LEU A 46 9.51 19.26 5.77
N SER A 47 8.53 20.12 6.11
CA SER A 47 8.56 20.85 7.37
C SER A 47 8.46 19.91 8.58
N ALA A 48 7.72 18.81 8.42
CA ALA A 48 7.59 17.80 9.47
C ALA A 48 8.90 17.05 9.74
N TYR A 49 9.84 17.08 8.79
CA TYR A 49 11.17 16.52 8.96
C TYR A 49 12.22 17.59 9.26
N MET A 50 11.92 18.85 8.96
CA MET A 50 12.76 19.95 9.42
C MET A 50 12.55 20.24 10.90
N TYR A 51 11.36 19.94 11.42
CA TYR A 51 10.99 20.20 12.81
C TYR A 51 11.93 19.62 13.89
N PRO A 52 12.53 18.42 13.78
CA PRO A 52 13.53 18.04 14.81
C PRO A 52 14.79 18.89 14.85
N LEU A 53 15.09 19.67 13.81
CA LEU A 53 16.28 20.52 13.81
C LEU A 53 16.00 21.95 14.24
N LEU A 54 14.76 22.30 14.57
CA LEU A 54 14.52 23.59 15.21
C LEU A 54 15.00 23.56 16.65
N GLN A 55 15.52 24.71 17.10
CA GLN A 55 16.04 24.85 18.45
C GLN A 55 14.86 24.92 19.44
N MET A 56 15.14 24.46 20.68
CA MET A 56 14.12 24.10 21.67
C MET A 56 13.02 25.12 21.99
N PRO A 57 13.25 26.48 21.98
CA PRO A 57 12.10 27.36 21.82
C PRO A 57 11.60 27.42 20.38
N LYS A 58 10.84 26.39 19.98
CA LYS A 58 10.46 26.16 18.59
C LYS A 58 9.46 27.19 18.06
N GLU A 59 8.83 27.97 18.94
CA GLU A 59 7.88 29.00 18.51
C GLU A 59 8.56 30.17 17.79
N GLN A 60 9.88 30.32 17.93
CA GLN A 60 10.61 31.33 17.18
C GLN A 60 10.96 30.90 15.75
N HIS A 61 10.77 29.61 15.44
CA HIS A 61 11.04 28.99 14.13
C HIS A 61 12.48 29.16 13.67
N ARG A 62 13.43 29.23 14.59
CA ARG A 62 14.84 29.25 14.21
C ARG A 62 15.44 27.85 14.37
N TYR A 63 16.30 27.48 13.44
CA TYR A 63 16.98 26.20 13.53
C TYR A 63 18.02 26.17 14.63
N LYS A 64 18.25 24.98 15.16
CA LYS A 64 19.41 24.73 15.99
C LYS A 64 20.67 24.87 15.12
N PRO A 65 21.78 25.43 15.68
CA PRO A 65 22.99 25.62 14.87
C PRO A 65 23.65 24.37 14.32
N ASN A 66 24.55 24.56 13.34
CA ASN A 66 25.33 23.55 12.61
C ASN A 66 24.49 22.58 11.79
N THR A 67 23.22 22.90 11.51
CA THR A 67 22.35 21.98 10.79
C THR A 67 22.41 22.19 9.27
N THR A 68 22.12 21.11 8.53
CA THR A 68 22.10 21.08 7.08
C THR A 68 20.77 20.54 6.57
N PHE A 69 20.44 20.87 5.31
CA PHE A 69 19.24 20.36 4.66
C PHE A 69 19.40 18.89 4.26
N ASP A 70 20.65 18.43 4.12
CA ASP A 70 20.91 17.02 3.84
C ASP A 70 20.48 16.10 4.98
N GLN A 71 20.47 16.61 6.21
CA GLN A 71 19.89 15.88 7.33
C GLN A 71 18.38 15.70 7.19
N VAL A 72 17.69 16.70 6.62
CA VAL A 72 16.26 16.60 6.36
C VAL A 72 15.99 15.54 5.28
N MET A 73 16.81 15.54 4.22
CA MET A 73 16.75 14.47 3.22
C MET A 73 17.10 13.09 3.80
N MET A 74 17.98 13.03 4.78
CA MET A 74 18.36 11.78 5.45
C MET A 74 17.18 11.20 6.22
N LEU A 75 16.50 12.04 7.02
CA LEU A 75 15.34 11.58 7.79
C LEU A 75 14.18 11.17 6.88
N TYR A 76 13.97 11.91 5.78
CA TYR A 76 12.89 11.59 4.84
C TYR A 76 13.13 10.24 4.15
N ARG A 77 14.36 9.99 3.69
CA ARG A 77 14.65 8.74 3.01
C ARG A 77 14.65 7.54 3.97
N PHE A 78 15.02 7.75 5.25
CA PHE A 78 14.88 6.68 6.23
C PHE A 78 13.43 6.31 6.48
N ASP A 79 12.55 7.31 6.64
CA ASP A 79 11.14 7.00 6.88
C ASP A 79 10.48 6.35 5.68
N LYS A 80 10.88 6.76 4.48
CA LYS A 80 10.41 6.15 3.24
C LYS A 80 10.81 4.68 3.14
N LYS A 81 12.04 4.35 3.54
CA LYS A 81 12.46 2.95 3.48
C LYS A 81 11.80 2.11 4.60
N LEU A 82 11.59 2.73 5.77
CA LEU A 82 10.99 2.04 6.92
C LEU A 82 9.55 1.61 6.66
N ARG A 83 8.76 2.46 6.00
CA ARG A 83 7.38 2.08 5.68
C ARG A 83 7.29 0.90 4.72
N LEU A 84 8.22 0.82 3.76
CA LEU A 84 8.27 -0.32 2.85
C LEU A 84 8.69 -1.60 3.55
N LEU A 85 9.66 -1.48 4.48
CA LEU A 85 10.09 -2.64 5.27
C LEU A 85 8.95 -3.18 6.14
N ILE A 86 8.10 -2.29 6.66
CA ILE A 86 6.98 -2.76 7.48
C ILE A 86 5.89 -3.39 6.60
N PHE A 87 5.60 -2.78 5.43
CA PHE A 87 4.54 -3.26 4.52
C PHE A 87 4.81 -4.65 3.95
N ASN A 88 6.09 -4.91 3.60
CA ASN A 88 6.48 -6.20 3.03
C ASN A 88 6.23 -7.36 3.98
N GLU A 89 6.33 -7.11 5.28
CA GLU A 89 6.08 -8.16 6.24
C GLU A 89 4.63 -8.21 6.70
N ILE A 90 3.90 -7.09 6.63
CA ILE A 90 2.46 -7.10 6.93
C ILE A 90 1.67 -7.95 5.93
N GLU A 91 2.09 -7.95 4.65
CA GLU A 91 1.39 -8.69 3.57
C GLU A 91 1.19 -10.19 3.86
N LYS A 92 2.18 -10.83 4.49
CA LYS A 92 2.12 -12.26 4.80
C LYS A 92 1.04 -12.56 5.84
N ILE A 93 0.95 -11.72 6.89
CA ILE A 93 -0.05 -11.88 7.93
C ILE A 93 -1.44 -11.59 7.37
N GLU A 94 -1.52 -10.58 6.49
CA GLU A 94 -2.77 -10.19 5.85
C GLU A 94 -3.33 -11.27 4.94
N VAL A 95 -2.48 -12.15 4.41
CA VAL A 95 -2.97 -13.35 3.72
C VAL A 95 -3.35 -14.46 4.71
N ALA A 96 -2.47 -14.68 5.70
CA ALA A 96 -2.57 -15.84 6.59
C ALA A 96 -3.82 -15.81 7.47
N VAL A 97 -4.20 -14.63 7.95
CA VAL A 97 -5.37 -14.50 8.83
C VAL A 97 -6.65 -14.80 8.05
N ARG A 98 -6.72 -14.34 6.78
CA ARG A 98 -7.83 -14.62 5.89
C ARG A 98 -8.01 -16.11 5.65
N SER A 99 -6.91 -16.78 5.29
CA SER A 99 -6.95 -18.22 5.03
C SER A 99 -7.30 -19.01 6.29
N ALA A 100 -6.76 -18.61 7.44
CA ALA A 100 -7.03 -19.30 8.69
C ALA A 100 -8.48 -19.19 9.11
N ILE A 101 -9.09 -18.01 8.93
CA ILE A 101 -10.52 -17.82 9.24
C ILE A 101 -11.40 -18.66 8.33
N VAL A 102 -11.10 -18.69 7.03
CA VAL A 102 -11.92 -19.45 6.06
C VAL A 102 -11.80 -20.96 6.33
N ASN A 103 -10.58 -21.45 6.55
CA ASN A 103 -10.34 -22.88 6.74
C ASN A 103 -10.93 -23.39 8.06
N ILE A 104 -10.72 -22.66 9.16
CA ILE A 104 -11.21 -23.15 10.44
C ILE A 104 -12.73 -23.02 10.52
N GLY A 105 -13.32 -21.98 9.90
CA GLY A 105 -14.78 -21.90 9.82
C GLY A 105 -15.41 -23.01 9.01
N SER A 106 -14.81 -23.36 7.87
CA SER A 106 -15.36 -24.45 7.07
C SER A 106 -15.11 -25.81 7.71
N ASP A 107 -14.03 -25.97 8.48
CA ASP A 107 -13.80 -27.22 9.20
C ASP A 107 -14.79 -27.39 10.35
N MET A 108 -14.95 -26.37 11.19
CA MET A 108 -15.74 -26.54 12.41
C MET A 108 -17.22 -26.29 12.22
N ILE A 109 -17.63 -25.74 11.08
CA ILE A 109 -19.05 -25.54 10.83
C ILE A 109 -19.63 -26.63 9.93
N GLY A 110 -18.87 -27.11 8.95
CA GLY A 110 -19.37 -28.11 8.01
C GLY A 110 -20.19 -27.55 6.87
N SER A 111 -19.97 -26.29 6.52
CA SER A 111 -20.60 -25.66 5.37
C SER A 111 -19.56 -24.84 4.61
N PRO A 112 -19.64 -24.79 3.29
CA PRO A 112 -18.82 -23.83 2.54
C PRO A 112 -19.33 -22.40 2.64
N PHE A 113 -20.57 -22.19 3.05
CA PHE A 113 -21.26 -20.91 2.91
C PHE A 113 -21.52 -20.23 4.24
N TRP A 114 -20.67 -20.45 5.24
CA TRP A 114 -20.96 -20.05 6.62
C TRP A 114 -20.90 -18.54 6.83
N MET A 115 -20.17 -17.80 6.00
CA MET A 115 -20.09 -16.35 6.14
C MET A 115 -21.36 -15.61 5.78
N THR A 116 -22.35 -16.27 5.18
CA THR A 116 -23.52 -15.60 4.64
C THR A 116 -24.73 -15.63 5.56
N ASP A 117 -24.69 -16.39 6.65
CA ASP A 117 -25.87 -16.61 7.49
C ASP A 117 -25.72 -15.87 8.81
N GLY A 118 -26.74 -15.08 9.16
CA GLY A 118 -26.74 -14.28 10.37
C GLY A 118 -26.82 -15.06 11.66
N SER A 119 -27.24 -16.32 11.61
CA SER A 119 -27.36 -17.13 12.82
C SER A 119 -26.01 -17.51 13.39
N ASN A 120 -24.94 -17.46 12.59
CA ASN A 120 -23.62 -17.76 13.12
C ASN A 120 -22.91 -16.56 13.71
N PHE A 121 -23.50 -15.36 13.68
CA PHE A 121 -22.86 -14.18 14.22
C PHE A 121 -23.69 -13.59 15.36
N ILE A 122 -22.99 -12.87 16.25
CA ILE A 122 -23.54 -12.41 17.53
C ILE A 122 -24.64 -11.37 17.32
N ASP A 123 -24.28 -10.26 16.68
CA ASP A 123 -25.20 -9.14 16.55
C ASP A 123 -25.59 -8.96 15.09
N PRO A 124 -26.88 -9.09 14.75
CA PRO A 124 -27.35 -8.67 13.42
C PRO A 124 -27.17 -7.19 13.12
N ARG A 125 -27.08 -6.35 14.16
CA ARG A 125 -26.85 -4.91 14.00
C ARG A 125 -25.50 -4.59 13.38
N LYS A 126 -24.52 -5.49 13.46
CA LYS A 126 -23.28 -5.34 12.71
C LYS A 126 -23.21 -6.24 11.49
N PHE A 127 -23.88 -7.41 11.52
CA PHE A 127 -23.90 -8.33 10.38
C PHE A 127 -24.61 -7.74 9.18
N ARG A 128 -25.82 -7.19 9.39
CA ARG A 128 -26.56 -6.55 8.30
C ARG A 128 -25.92 -5.24 7.87
N HIS A 129 -25.06 -4.65 8.70
CA HIS A 129 -24.22 -3.55 8.25
C HIS A 129 -23.09 -4.02 7.36
N THR A 130 -22.45 -5.15 7.71
CA THR A 130 -21.32 -5.67 6.93
C THR A 130 -21.80 -6.24 5.58
N MET A 131 -23.03 -6.73 5.54
CA MET A 131 -23.64 -7.20 4.28
C MET A 131 -23.79 -6.09 3.25
N ASP A 132 -23.90 -4.83 3.70
CA ASP A 132 -23.85 -3.69 2.78
C ASP A 132 -22.49 -3.58 2.09
N LEU A 133 -21.40 -3.81 2.83
CA LEU A 133 -20.08 -3.75 2.23
C LEU A 133 -19.82 -4.94 1.30
N ILE A 134 -20.33 -6.11 1.67
CA ILE A 134 -20.22 -7.30 0.80
C ILE A 134 -20.98 -7.10 -0.50
N ASP A 135 -22.20 -6.56 -0.41
CA ASP A 135 -22.99 -6.28 -1.61
C ASP A 135 -22.40 -5.14 -2.42
N ALA A 136 -21.73 -4.18 -1.75
CA ALA A 136 -21.10 -3.08 -2.48
C ALA A 136 -19.85 -3.52 -3.19
N GLU A 137 -19.16 -4.55 -2.69
CA GLU A 137 -18.03 -5.07 -3.44
C GLU A 137 -18.47 -6.00 -4.57
N LEU A 138 -19.48 -6.86 -4.31
CA LEU A 138 -19.95 -7.72 -5.39
C LEU A 138 -20.81 -6.97 -6.40
N GLY A 139 -21.31 -5.78 -6.06
CA GLY A 139 -22.01 -4.97 -7.05
C GLY A 139 -21.12 -4.28 -8.05
N ARG A 140 -19.82 -4.22 -7.78
CA ARG A 140 -18.85 -3.55 -8.64
C ARG A 140 -17.76 -4.46 -9.19
N SER A 141 -17.54 -5.63 -8.59
CA SER A 141 -16.45 -6.51 -9.01
C SER A 141 -16.75 -7.14 -10.37
N ARG A 142 -15.71 -7.19 -11.22
CA ARG A 142 -15.82 -7.79 -12.53
C ARG A 142 -14.67 -8.76 -12.80
N GLU A 143 -14.04 -9.30 -11.75
CA GLU A 143 -12.87 -10.14 -11.85
C GLU A 143 -13.14 -11.48 -12.53
N ASP A 144 -12.03 -12.24 -12.68
CA ASP A 144 -11.96 -13.42 -13.52
C ASP A 144 -12.90 -14.54 -13.08
N PHE A 145 -13.06 -14.72 -11.77
CA PHE A 145 -13.78 -15.85 -11.22
C PHE A 145 -15.16 -15.50 -10.66
N ILE A 146 -15.42 -14.23 -10.36
CA ILE A 146 -16.68 -13.83 -9.73
C ILE A 146 -17.84 -13.97 -10.71
N VAL A 147 -17.67 -13.44 -11.92
CA VAL A 147 -18.77 -13.37 -12.88
C VAL A 147 -19.08 -14.74 -13.47
N HIS A 148 -18.06 -15.59 -13.66
CA HIS A 148 -18.30 -16.95 -14.13
C HIS A 148 -19.01 -17.78 -13.07
N PHE A 149 -18.75 -17.51 -11.80
CA PHE A 149 -19.48 -18.16 -10.71
C PHE A 149 -20.95 -17.76 -10.72
N LYS A 150 -21.23 -16.45 -10.81
CA LYS A 150 -22.63 -16.06 -10.74
C LYS A 150 -23.39 -16.32 -12.05
N GLN A 151 -22.69 -16.50 -13.17
CA GLN A 151 -23.33 -17.10 -14.34
C GLN A 151 -23.66 -18.56 -14.09
N THR A 152 -22.72 -19.30 -13.50
CA THR A 152 -22.88 -20.75 -13.41
C THR A 152 -23.84 -21.17 -12.29
N TYR A 153 -23.68 -20.63 -11.09
CA TYR A 153 -24.23 -21.25 -9.88
C TYR A 153 -25.37 -20.44 -9.26
N SER A 154 -26.19 -21.15 -8.47
CA SER A 154 -27.47 -20.61 -8.02
C SER A 154 -27.34 -19.73 -6.80
N ASP A 155 -26.54 -20.15 -5.82
CA ASP A 155 -26.61 -19.61 -4.46
C ASP A 155 -26.06 -18.19 -4.37
N ALA A 156 -26.53 -17.47 -3.34
CA ALA A 156 -26.53 -16.00 -3.33
C ALA A 156 -25.12 -15.41 -3.30
N TYR A 157 -24.24 -15.96 -2.47
CA TYR A 157 -22.87 -15.49 -2.36
C TYR A 157 -21.92 -16.66 -2.51
N PRO A 158 -20.69 -16.40 -3.01
CA PRO A 158 -19.74 -17.50 -3.19
C PRO A 158 -19.28 -18.06 -1.86
N PRO A 159 -18.82 -19.33 -1.85
CA PRO A 159 -18.26 -19.89 -0.61
C PRO A 159 -16.96 -19.21 -0.21
N ALA A 160 -16.61 -19.39 1.08
CA ALA A 160 -15.76 -18.45 1.81
C ALA A 160 -14.37 -18.31 1.23
N TRP A 161 -13.82 -19.37 0.64
CA TRP A 161 -12.51 -19.29 0.01
C TRP A 161 -12.52 -18.47 -1.28
N ILE A 162 -13.67 -18.33 -1.93
CA ILE A 162 -13.78 -17.40 -3.05
C ILE A 162 -13.91 -15.98 -2.55
N LEU A 163 -14.80 -15.79 -1.56
CA LEU A 163 -15.24 -14.46 -1.14
C LEU A 163 -14.15 -13.74 -0.35
N ALA A 164 -13.27 -14.47 0.32
CA ALA A 164 -12.18 -13.86 1.08
C ALA A 164 -11.11 -13.21 0.20
N GLU A 165 -11.09 -13.49 -1.11
CA GLU A 165 -10.12 -12.85 -1.99
C GLU A 165 -10.46 -11.41 -2.30
N VAL A 166 -11.73 -11.03 -2.24
CA VAL A 166 -12.17 -9.73 -2.75
C VAL A 166 -12.59 -8.81 -1.62
N LEU A 167 -12.38 -9.24 -0.38
CA LEU A 167 -12.76 -8.37 0.72
C LEU A 167 -11.54 -7.67 1.32
N PRO A 168 -11.68 -6.41 1.72
CA PRO A 168 -10.61 -5.72 2.46
C PRO A 168 -10.36 -6.33 3.83
N PHE A 169 -9.16 -6.05 4.37
CA PHE A 169 -8.73 -6.64 5.64
C PHE A 169 -9.52 -6.08 6.82
N GLY A 170 -9.91 -4.80 6.75
CA GLY A 170 -10.77 -4.24 7.77
C GLY A 170 -12.17 -4.81 7.80
N VAL A 171 -12.62 -5.41 6.69
CA VAL A 171 -13.86 -6.17 6.68
C VAL A 171 -13.67 -7.51 7.37
N ILE A 172 -12.54 -8.18 7.07
CA ILE A 172 -12.26 -9.53 7.57
C ILE A 172 -12.09 -9.52 9.09
N THR A 173 -11.33 -8.56 9.61
CA THR A 173 -11.15 -8.49 11.06
C THR A 173 -12.40 -7.98 11.78
N ASN A 174 -13.36 -7.39 11.07
CA ASN A 174 -14.66 -7.08 11.65
C ASN A 174 -15.63 -8.25 11.59
N ILE A 175 -15.46 -9.14 10.61
CA ILE A 175 -16.18 -10.41 10.60
C ILE A 175 -15.71 -11.30 11.74
N PHE A 176 -14.40 -11.29 12.03
CA PHE A 176 -13.83 -12.19 13.04
C PHE A 176 -14.36 -11.92 14.45
N SER A 177 -14.55 -10.65 14.82
CA SER A 177 -14.97 -10.31 16.17
C SER A 177 -16.43 -10.71 16.43
N ASN A 178 -17.22 -10.93 15.38
CA ASN A 178 -18.63 -11.20 15.52
C ASN A 178 -18.99 -12.69 15.58
N ILE A 179 -18.00 -13.59 15.49
CA ILE A 179 -18.27 -15.04 15.42
C ILE A 179 -18.79 -15.54 16.76
N LYS A 180 -19.96 -16.20 16.73
CA LYS A 180 -20.71 -16.43 17.96
C LYS A 180 -20.13 -17.57 18.79
N THR A 181 -19.96 -18.74 18.20
CA THR A 181 -19.48 -19.92 18.91
C THR A 181 -18.01 -19.76 19.29
N ALA A 182 -17.76 -19.60 20.60
CA ALA A 182 -16.45 -19.16 21.09
C ALA A 182 -15.37 -20.23 20.91
N ARG A 183 -15.76 -21.49 20.75
CA ARG A 183 -14.81 -22.56 20.43
C ARG A 183 -14.10 -22.34 19.10
N ILE A 184 -14.82 -21.77 18.13
CA ILE A 184 -14.24 -21.43 16.82
C ILE A 184 -13.20 -20.33 16.97
N LYS A 185 -13.54 -19.29 17.75
CA LYS A 185 -12.62 -18.19 18.02
C LYS A 185 -11.38 -18.66 18.78
N LYS A 186 -11.58 -19.56 19.75
CA LYS A 186 -10.44 -20.17 20.45
C LYS A 186 -9.56 -20.98 19.52
N SER A 187 -10.16 -21.69 18.56
CA SER A 187 -9.34 -22.47 17.61
C SER A 187 -8.53 -21.57 16.67
N ILE A 188 -9.14 -20.48 16.19
CA ILE A 188 -8.45 -19.57 15.29
C ILE A 188 -7.33 -18.82 16.04
N ALA A 189 -7.61 -18.40 17.27
CA ALA A 189 -6.58 -17.75 18.09
C ALA A 189 -5.50 -18.74 18.50
N ARG A 190 -5.87 -20.01 18.70
CA ARG A 190 -4.93 -21.03 19.14
C ARG A 190 -3.96 -21.41 18.02
N LYS A 191 -4.40 -21.30 16.77
CA LYS A 191 -3.48 -21.50 15.64
C LYS A 191 -2.37 -20.45 15.64
N PHE A 192 -2.70 -19.20 15.95
CA PHE A 192 -1.69 -18.16 16.08
C PHE A 192 -1.15 -18.00 17.49
N GLY A 193 -1.28 -19.03 18.33
CA GLY A 193 -0.55 -19.12 19.59
C GLY A 193 -0.89 -18.10 20.65
N LEU A 194 -2.13 -17.64 20.69
CA LEU A 194 -2.55 -16.65 21.68
C LEU A 194 -3.96 -16.98 22.16
N GLN A 195 -4.35 -16.33 23.25
CA GLN A 195 -5.74 -16.32 23.63
C GLN A 195 -6.50 -15.26 22.81
N VAL A 196 -7.81 -15.20 23.01
CA VAL A 196 -8.72 -14.54 22.07
C VAL A 196 -8.56 -13.01 22.10
N ALA A 197 -8.62 -12.41 23.28
CA ALA A 197 -8.58 -10.95 23.40
C ALA A 197 -7.26 -10.30 22.98
N PRO A 198 -6.05 -10.79 23.35
CA PRO A 198 -4.85 -10.19 22.75
C PRO A 198 -4.72 -10.46 21.25
N PHE A 199 -5.33 -11.53 20.73
CA PHE A 199 -5.34 -11.76 19.29
C PHE A 199 -6.17 -10.69 18.57
N GLU A 200 -7.32 -10.33 19.15
CA GLU A 200 -8.15 -9.26 18.61
C GLU A 200 -7.44 -7.90 18.68
N SER A 201 -6.76 -7.63 19.81
CA SER A 201 -5.99 -6.40 19.97
C SER A 201 -4.84 -6.32 18.97
N TRP A 202 -4.17 -7.44 18.72
CA TRP A 202 -3.05 -7.38 17.80
C TRP A 202 -3.51 -7.37 16.35
N LEU A 203 -4.70 -7.89 16.05
CA LEU A 203 -5.29 -7.69 14.73
C LEU A 203 -5.59 -6.22 14.45
N THR A 204 -6.15 -5.50 15.43
CA THR A 204 -6.44 -4.09 15.15
C THR A 204 -5.16 -3.23 15.11
N ILE A 205 -4.11 -3.62 15.87
CA ILE A 205 -2.80 -2.96 15.73
C ILE A 205 -2.18 -3.22 14.34
N VAL A 206 -2.33 -4.44 13.82
CA VAL A 206 -1.81 -4.77 12.48
C VAL A 206 -2.55 -3.98 11.39
N ALA A 207 -3.88 -3.83 11.54
CA ALA A 207 -4.66 -3.04 10.59
C ALA A 207 -4.26 -1.57 10.57
N LEU A 208 -4.06 -0.97 11.77
CA LEU A 208 -3.62 0.42 11.84
C LEU A 208 -2.20 0.61 11.33
N THR A 209 -1.32 -0.37 11.58
CA THR A 209 0.06 -0.25 11.12
C THR A 209 0.15 -0.38 9.60
N ARG A 210 -0.72 -1.21 8.99
CA ARG A 210 -0.87 -1.23 7.53
C ARG A 210 -1.38 0.10 6.99
N ASN A 211 -2.37 0.71 7.67
CA ASN A 211 -2.92 1.98 7.23
C ASN A 211 -1.88 3.11 7.29
N SER A 212 -1.00 3.07 8.29
CA SER A 212 0.11 4.04 8.35
C SER A 212 1.09 3.86 7.19
N CYS A 213 1.29 2.63 6.73
CA CYS A 213 2.25 2.39 5.66
C CYS A 213 1.69 2.69 4.28
N CYS A 214 0.38 2.52 4.09
CA CYS A 214 -0.17 2.72 2.75
C CYS A 214 -0.30 4.18 2.37
N HIS A 215 -0.50 5.08 3.34
CA HIS A 215 -0.78 6.49 3.06
C HIS A 215 0.39 7.41 3.36
N HIS A 216 1.62 6.87 3.48
CA HIS A 216 2.88 7.61 3.53
C HIS A 216 2.98 8.58 4.71
N ALA A 217 2.42 8.20 5.86
CA ALA A 217 2.48 9.06 7.04
C ALA A 217 3.86 9.01 7.68
N ARG A 218 4.14 10.02 8.51
CA ARG A 218 5.35 10.03 9.32
C ARG A 218 5.26 8.95 10.39
N VAL A 219 6.29 8.11 10.49
CA VAL A 219 6.23 6.84 11.20
C VAL A 219 7.24 6.77 12.33
N TRP A 220 8.49 7.20 12.07
CA TRP A 220 9.64 6.87 12.92
C TRP A 220 9.59 7.48 14.33
N ASN A 221 9.15 8.73 14.48
CA ASN A 221 9.07 9.35 15.79
C ASN A 221 7.64 9.74 16.15
N LYS A 222 6.68 9.03 15.58
CA LYS A 222 5.27 9.30 15.80
C LYS A 222 4.79 8.63 17.09
N GLN A 223 4.09 9.39 17.92
CA GLN A 223 3.41 8.82 19.07
C GLN A 223 2.18 8.05 18.63
N ASN A 224 2.05 6.82 19.12
CA ASN A 224 0.83 6.06 18.92
C ASN A 224 -0.14 6.40 20.06
N THR A 225 -1.41 6.02 19.91
CA THR A 225 -2.40 6.31 20.95
C THR A 225 -3.21 5.08 21.34
N ILE A 226 -3.30 4.12 20.43
CA ILE A 226 -4.08 2.91 20.66
C ILE A 226 -3.13 1.86 21.22
N ARG A 227 -3.19 1.66 22.52
CA ARG A 227 -2.22 0.85 23.24
C ARG A 227 -2.51 -0.64 23.06
N PRO A 228 -1.51 -1.45 22.72
CA PRO A 228 -1.74 -2.89 22.59
C PRO A 228 -1.89 -3.58 23.94
N MET A 229 -2.57 -4.72 23.91
CA MET A 229 -2.81 -5.52 25.10
C MET A 229 -1.60 -6.43 25.37
N ILE A 230 -1.38 -6.75 26.64
CA ILE A 230 -0.28 -7.61 27.06
C ILE A 230 -0.86 -9.00 27.38
N PRO A 231 -0.47 -10.04 26.64
CA PRO A 231 -1.02 -11.38 26.92
C PRO A 231 -0.44 -12.01 28.17
N ASN A 232 -1.26 -12.82 28.84
CA ASN A 232 -0.80 -13.62 29.98
C ASN A 232 -0.44 -15.05 29.57
N ARG A 233 -1.19 -15.64 28.64
CA ARG A 233 -0.92 -16.99 28.15
C ARG A 233 -0.22 -16.91 26.80
N MET A 234 0.87 -17.66 26.65
CA MET A 234 1.72 -17.57 25.47
C MET A 234 2.04 -18.95 24.94
N THR A 235 2.39 -18.99 23.66
CA THR A 235 2.90 -20.19 23.00
C THR A 235 4.10 -19.80 22.14
N GLY A 236 4.97 -18.96 22.67
CA GLY A 236 6.11 -18.52 21.88
C GLY A 236 6.97 -17.53 22.62
N ARG A 237 8.01 -17.07 21.94
CA ARG A 237 8.99 -16.16 22.53
C ARG A 237 8.42 -14.75 22.63
N TRP A 238 8.90 -14.00 23.63
CA TRP A 238 8.39 -12.63 23.85
C TRP A 238 9.45 -11.81 24.59
N ILE A 239 9.16 -10.50 24.68
CA ILE A 239 9.99 -9.48 25.30
C ILE A 239 10.17 -9.76 26.80
N ILE A 240 11.30 -9.33 27.37
CA ILE A 240 11.53 -9.40 28.81
C ILE A 240 11.70 -7.99 29.38
N LEU A 241 12.56 -7.19 28.74
CA LEU A 241 12.97 -5.86 29.18
C LEU A 241 11.80 -4.88 29.01
N PRO A 242 11.58 -3.96 29.95
CA PRO A 242 10.42 -3.04 29.83
C PRO A 242 10.61 -2.02 28.71
N THR A 243 9.60 -1.92 27.86
CA THR A 243 9.63 -1.07 26.68
C THR A 243 8.44 -0.12 26.65
N ASP A 244 8.61 0.99 25.94
CA ASP A 244 7.54 1.95 25.75
C ASP A 244 6.58 1.37 24.72
N ALA A 245 5.29 1.35 25.07
CA ALA A 245 4.30 0.69 24.22
C ALA A 245 3.95 1.51 22.98
N LEU A 246 3.98 2.84 23.09
CA LEU A 246 3.37 3.69 22.09
C LEU A 246 4.34 4.22 21.05
N ARG A 247 5.53 3.64 20.93
CA ARG A 247 6.40 3.96 19.82
C ARG A 247 6.28 2.87 18.75
N ILE A 248 7.15 2.96 17.73
CA ILE A 248 7.00 2.13 16.54
C ILE A 248 7.52 0.70 16.80
N TYR A 249 8.33 0.52 17.87
CA TYR A 249 8.97 -0.76 18.21
C TYR A 249 7.98 -1.89 18.49
N PHE A 250 6.89 -1.58 19.19
CA PHE A 250 5.97 -2.62 19.65
C PHE A 250 5.21 -3.25 18.48
N ASN A 251 4.93 -2.44 17.45
CA ASN A 251 4.30 -2.94 16.23
C ASN A 251 5.20 -3.93 15.50
N LEU A 252 6.50 -3.64 15.45
CA LEU A 252 7.48 -4.57 14.87
C LEU A 252 7.55 -5.86 15.67
N CYS A 253 7.43 -5.77 17.00
CA CYS A 253 7.40 -6.97 17.83
C CYS A 253 6.17 -7.84 17.57
N ILE A 254 5.00 -7.22 17.40
CA ILE A 254 3.76 -7.96 17.10
C ILE A 254 3.85 -8.64 15.73
N ILE A 255 4.37 -7.92 14.73
CA ILE A 255 4.53 -8.49 13.39
C ILE A 255 5.54 -9.64 13.40
N LYS A 256 6.59 -9.51 14.21
CA LYS A 256 7.56 -10.60 14.40
C LYS A 256 6.93 -11.81 15.07
N TYR A 257 6.05 -11.58 16.06
CA TYR A 257 5.41 -12.69 16.76
C TYR A 257 4.48 -13.49 15.85
N PHE A 258 3.69 -12.80 15.01
CA PHE A 258 2.90 -13.52 14.01
C PHE A 258 3.77 -14.18 12.95
N LEU A 259 4.87 -13.52 12.57
CA LEU A 259 5.73 -14.03 11.52
C LEU A 259 6.47 -15.29 11.94
N ASP A 260 6.84 -15.41 13.22
CA ASP A 260 7.50 -16.62 13.72
C ASP A 260 6.60 -17.85 13.70
N ILE A 261 5.28 -17.66 13.72
CA ILE A 261 4.36 -18.78 13.59
C ILE A 261 4.05 -19.05 12.12
N ILE A 262 3.92 -18.00 11.31
CA ILE A 262 3.65 -18.19 9.88
C ILE A 262 4.86 -18.78 9.17
N SER A 263 6.04 -18.20 9.39
CA SER A 263 7.27 -18.63 8.72
C SER A 263 8.39 -18.70 9.73
N PRO A 264 8.69 -19.89 10.26
CA PRO A 264 9.75 -20.02 11.29
C PRO A 264 11.15 -19.62 10.82
N GLN A 265 11.47 -19.82 9.55
CA GLN A 265 12.79 -19.51 9.01
C GLN A 265 12.91 -18.07 8.48
N ASN A 266 12.09 -17.15 8.97
CA ASN A 266 12.03 -15.79 8.44
C ASN A 266 13.28 -14.98 8.79
N ASP A 267 13.39 -13.82 8.13
CA ASP A 267 14.57 -12.97 8.23
C ASP A 267 14.24 -11.49 8.47
N MET A 268 13.22 -11.21 9.29
CA MET A 268 12.82 -9.82 9.54
C MET A 268 13.86 -9.04 10.34
N LYS A 269 14.59 -9.73 11.23
CA LYS A 269 15.63 -9.07 12.02
C LYS A 269 16.73 -8.50 11.15
N ALA A 270 17.25 -9.30 10.19
CA ALA A 270 18.34 -8.88 9.31
C ALA A 270 17.94 -7.71 8.41
N LYS A 271 16.65 -7.64 8.03
CA LYS A 271 16.10 -6.44 7.42
C LYS A 271 16.19 -5.24 8.36
N ILE A 272 15.83 -5.43 9.64
CA ILE A 272 15.86 -4.31 10.60
C ILE A 272 17.30 -3.85 10.89
N ASP A 273 18.25 -4.81 11.01
CA ASP A 273 19.66 -4.44 11.19
C ASP A 273 20.23 -3.73 9.96
N ALA A 274 19.92 -4.21 8.76
CA ALA A 274 20.42 -3.58 7.53
C ALA A 274 19.88 -2.16 7.38
N LEU A 275 18.60 -1.96 7.71
CA LEU A 275 18.00 -0.62 7.71
C LEU A 275 18.65 0.30 8.74
N LEU A 276 18.79 -0.17 9.98
CA LEU A 276 19.30 0.72 11.03
C LEU A 276 20.80 0.96 10.91
N SER A 277 21.56 0.00 10.37
CA SER A 277 22.99 0.24 10.17
C SER A 277 23.24 1.11 8.95
N SER A 278 22.42 0.96 7.90
CA SER A 278 22.65 1.72 6.68
C SER A 278 22.32 3.19 6.84
N TYR A 279 21.44 3.53 7.78
CA TYR A 279 21.05 4.91 8.02
C TYR A 279 21.41 5.33 9.44
N SER A 280 22.66 5.06 9.84
CA SER A 280 23.11 5.02 11.23
C SER A 280 23.11 6.35 11.96
N SER A 281 22.80 7.47 11.31
CA SER A 281 22.89 8.77 11.96
C SER A 281 21.62 9.16 12.73
N ILE A 282 20.79 8.19 13.08
CA ILE A 282 19.47 8.45 13.66
C ILE A 282 19.41 7.80 15.04
N ASP A 283 18.89 8.54 16.02
CA ASP A 283 18.91 8.06 17.40
C ASP A 283 17.75 7.09 17.63
N ILE A 284 18.12 5.89 18.07
CA ILE A 284 17.22 4.75 18.21
C ILE A 284 16.19 4.97 19.33
N ASN A 285 16.55 5.74 20.36
CA ASN A 285 15.66 6.04 21.49
C ASN A 285 14.41 6.84 21.10
N ALA A 286 14.46 7.55 19.97
CA ALA A 286 13.25 8.19 19.47
C ALA A 286 12.29 7.16 18.88
N MET A 287 12.82 6.04 18.38
CA MET A 287 12.01 4.97 17.82
C MET A 287 11.50 3.98 18.86
N GLY A 288 11.94 4.09 20.12
CA GLY A 288 11.35 3.33 21.19
C GLY A 288 11.93 1.97 21.46
N PHE A 289 12.97 1.57 20.74
CA PHE A 289 13.76 0.41 21.14
C PHE A 289 14.45 0.70 22.46
N PRO A 290 14.29 -0.16 23.47
CA PRO A 290 15.19 -0.10 24.62
C PRO A 290 16.56 -0.63 24.25
N ARG A 291 17.55 -0.23 25.04
CA ARG A 291 18.94 -0.58 24.76
C ARG A 291 19.17 -2.06 25.01
N GLY A 292 19.90 -2.71 24.11
CA GLY A 292 20.12 -4.13 24.21
C GLY A 292 18.97 -4.99 23.73
N TRP A 293 18.25 -4.54 22.70
CA TRP A 293 17.10 -5.28 22.18
C TRP A 293 17.48 -6.57 21.45
N GLU A 294 18.76 -6.77 21.12
CA GLU A 294 19.20 -8.01 20.47
C GLU A 294 19.18 -9.22 21.40
N SER A 295 19.05 -9.02 22.72
CA SER A 295 19.21 -10.10 23.68
C SER A 295 17.94 -10.93 23.89
N GLU A 296 16.81 -10.48 23.37
CA GLU A 296 15.53 -11.07 23.71
C GLU A 296 15.26 -12.35 22.91
N PRO A 297 14.53 -13.32 23.50
CA PRO A 297 14.20 -14.57 22.79
C PRO A 297 13.38 -14.41 21.52
N LEU A 298 12.60 -13.34 21.40
CA LEU A 298 11.84 -13.09 20.17
C LEU A 298 12.75 -12.79 18.99
N TRP A 299 13.89 -12.15 19.24
CA TRP A 299 14.77 -11.71 18.19
C TRP A 299 15.98 -12.61 17.99
N GLN A 300 16.03 -13.80 18.57
CA GLN A 300 17.16 -14.68 18.33
C GLN A 300 17.01 -15.42 17.01
N ARG C 4 -30.20 -21.84 -12.55
CA ARG C 4 -28.78 -21.95 -12.24
C ARG C 4 -28.53 -23.13 -11.30
N ILE C 5 -27.36 -23.75 -11.46
CA ILE C 5 -27.00 -25.04 -10.86
C ILE C 5 -26.70 -24.86 -9.38
N PRO C 6 -27.13 -25.77 -8.49
CA PRO C 6 -26.60 -25.74 -7.11
C PRO C 6 -25.15 -26.20 -7.06
N PHE C 7 -24.40 -25.58 -6.14
CA PHE C 7 -22.96 -25.78 -6.06
C PHE C 7 -22.66 -27.14 -5.43
N PRO C 8 -21.98 -28.05 -6.12
CA PRO C 8 -21.82 -29.42 -5.63
C PRO C 8 -20.53 -29.71 -4.86
N LYS C 9 -19.68 -28.72 -4.63
CA LYS C 9 -18.41 -29.09 -4.01
C LYS C 9 -18.45 -28.82 -2.51
N PRO C 10 -17.93 -29.72 -1.70
CA PRO C 10 -17.84 -29.47 -0.26
C PRO C 10 -16.55 -28.72 0.07
N TYR C 11 -16.39 -28.41 1.36
CA TYR C 11 -15.08 -28.08 1.86
C TYR C 11 -14.21 -29.33 1.85
N THR C 12 -13.00 -29.19 1.32
CA THR C 12 -12.03 -30.28 1.31
C THR C 12 -10.93 -29.94 2.30
N SER C 13 -10.62 -30.90 3.17
CA SER C 13 -9.61 -30.70 4.20
C SER C 13 -8.23 -30.56 3.57
N ALA C 14 -7.35 -29.78 4.24
CA ALA C 14 -6.02 -29.49 3.71
C ALA C 14 -5.13 -30.72 3.61
N HIS C 15 -5.42 -31.77 4.36
CA HIS C 15 -4.82 -33.07 4.11
C HIS C 15 -5.30 -33.65 2.78
N ASP C 16 -6.60 -33.51 2.50
CA ASP C 16 -7.21 -34.18 1.35
C ASP C 16 -6.80 -33.55 0.03
N LEU C 17 -6.50 -32.23 0.04
CA LEU C 17 -6.08 -31.58 -1.21
C LEU C 17 -4.72 -32.07 -1.69
N VAL C 18 -3.86 -32.54 -0.79
CA VAL C 18 -2.57 -33.09 -1.22
C VAL C 18 -2.76 -34.39 -1.97
N SER C 19 -3.66 -35.26 -1.49
CA SER C 19 -4.01 -36.48 -2.23
C SER C 19 -4.73 -36.15 -3.53
N LEU C 20 -5.55 -35.10 -3.53
CA LEU C 20 -6.25 -34.67 -4.74
C LEU C 20 -5.27 -34.13 -5.79
N LEU C 21 -4.39 -33.22 -5.38
CA LEU C 21 -3.35 -32.65 -6.25
C LEU C 21 -2.39 -33.71 -6.77
N GLN C 22 -2.07 -34.71 -5.95
CA GLN C 22 -1.22 -35.79 -6.42
C GLN C 22 -1.98 -36.71 -7.37
N SER C 23 -3.30 -36.78 -7.25
CA SER C 23 -4.08 -37.48 -8.26
C SER C 23 -4.21 -36.70 -9.56
N ARG C 24 -4.05 -35.37 -9.52
CA ARG C 24 -4.04 -34.57 -10.75
C ARG C 24 -2.69 -34.55 -11.45
N GLY C 25 -1.66 -35.18 -10.90
CA GLY C 25 -0.37 -35.27 -11.55
C GLY C 25 0.69 -34.31 -11.07
N LEU C 26 0.38 -33.45 -10.10
CA LEU C 26 1.38 -32.51 -9.59
C LEU C 26 2.34 -33.24 -8.66
N THR C 27 3.63 -33.10 -8.92
CA THR C 27 4.64 -33.71 -8.06
C THR C 27 4.85 -32.85 -6.82
N ILE C 28 4.79 -33.48 -5.66
CA ILE C 28 4.84 -32.79 -4.37
C ILE C 28 5.91 -33.47 -3.51
N ALA C 29 6.82 -32.66 -2.97
CA ALA C 29 7.88 -33.15 -2.11
C ALA C 29 7.97 -32.25 -0.89
N ASP C 30 8.49 -32.83 0.20
CA ASP C 30 8.50 -32.25 1.56
C ASP C 30 7.09 -31.85 1.98
N THR C 31 6.23 -32.86 2.11
CA THR C 31 4.77 -32.76 2.12
C THR C 31 4.22 -31.91 3.26
N ALA C 32 4.93 -31.87 4.40
CA ALA C 32 4.51 -31.05 5.54
C ALA C 32 4.54 -29.57 5.22
N LYS C 33 5.53 -29.13 4.43
CA LYS C 33 5.59 -27.75 3.96
C LYS C 33 4.42 -27.42 3.05
N THR C 34 4.04 -28.35 2.18
CA THR C 34 2.94 -28.09 1.26
C THR C 34 1.60 -28.05 1.98
N GLU C 35 1.42 -28.90 3.01
CA GLU C 35 0.23 -28.81 3.85
C GLU C 35 0.21 -27.51 4.65
N ARG C 36 1.39 -27.04 5.10
CA ARG C 36 1.46 -25.79 5.84
C ARG C 36 1.16 -24.58 4.95
N TYR C 37 1.62 -24.61 3.69
CA TYR C 37 1.25 -23.55 2.74
C TYR C 37 -0.23 -23.60 2.39
N LEU C 38 -0.81 -24.81 2.24
CA LEU C 38 -2.24 -24.91 1.96
C LEU C 38 -3.09 -24.47 3.15
N GLU C 39 -2.58 -24.61 4.38
CA GLU C 39 -3.31 -24.07 5.53
C GLU C 39 -3.16 -22.56 5.64
N PHE C 40 -1.94 -22.03 5.49
CA PHE C 40 -1.74 -20.59 5.77
C PHE C 40 -1.92 -19.69 4.56
N ILE C 41 -1.55 -20.12 3.36
CA ILE C 41 -1.83 -19.29 2.19
C ILE C 41 -3.18 -19.65 1.57
N GLY C 42 -3.53 -20.93 1.53
CA GLY C 42 -4.84 -21.32 1.07
C GLY C 42 -4.79 -21.89 -0.34
N TYR C 43 -5.71 -22.82 -0.61
CA TYR C 43 -5.77 -23.47 -1.92
C TYR C 43 -6.21 -22.52 -3.01
N TYR C 44 -7.34 -21.83 -2.82
CA TYR C 44 -7.96 -21.10 -3.92
C TYR C 44 -7.19 -19.82 -4.25
N ARG C 45 -6.44 -19.28 -3.29
CA ARG C 45 -5.50 -18.22 -3.62
C ARG C 45 -4.39 -18.73 -4.52
N LEU C 46 -3.83 -19.89 -4.18
CA LEU C 46 -2.77 -20.48 -4.98
C LEU C 46 -3.27 -21.08 -6.28
N SER C 47 -4.59 -21.26 -6.45
CA SER C 47 -5.15 -21.84 -7.67
C SER C 47 -4.91 -20.94 -8.87
N ALA C 48 -4.92 -19.62 -8.66
CA ALA C 48 -4.64 -18.66 -9.73
C ALA C 48 -3.19 -18.72 -10.21
N TYR C 49 -2.28 -19.29 -9.41
CA TYR C 49 -0.91 -19.52 -9.81
C TYR C 49 -0.65 -20.97 -10.21
N MET C 50 -1.53 -21.89 -9.82
CA MET C 50 -1.49 -23.24 -10.35
C MET C 50 -2.04 -23.31 -11.77
N TYR C 51 -2.95 -22.40 -12.11
CA TYR C 51 -3.61 -22.36 -13.42
C TYR C 51 -2.68 -22.32 -14.65
N PRO C 52 -1.52 -21.63 -14.69
CA PRO C 52 -0.64 -21.80 -15.87
C PRO C 52 -0.06 -23.19 -16.06
N LEU C 53 -0.07 -24.06 -15.05
CA LEU C 53 0.47 -25.41 -15.20
C LEU C 53 -0.59 -26.45 -15.52
N LEU C 54 -1.86 -26.07 -15.65
CA LEU C 54 -2.85 -26.99 -16.17
C LEU C 54 -2.67 -27.17 -17.68
N GLN C 55 -2.90 -28.39 -18.14
CA GLN C 55 -2.75 -28.73 -19.56
C GLN C 55 -3.91 -28.11 -20.35
N MET C 56 -3.63 -27.82 -21.63
CA MET C 56 -4.43 -26.92 -22.48
C MET C 56 -5.94 -27.20 -22.57
N PRO C 57 -6.47 -28.45 -22.54
CA PRO C 57 -7.88 -28.59 -22.16
C PRO C 57 -8.11 -28.43 -20.66
N LYS C 58 -8.12 -27.18 -20.21
CA LYS C 58 -8.11 -26.85 -18.78
C LYS C 58 -9.41 -27.20 -18.07
N GLU C 59 -10.49 -27.48 -18.80
CA GLU C 59 -11.76 -27.87 -18.18
C GLU C 59 -11.71 -29.25 -17.52
N GLN C 60 -10.72 -30.08 -17.84
CA GLN C 60 -10.53 -31.36 -17.18
C GLN C 60 -9.80 -31.24 -15.85
N HIS C 61 -9.22 -30.06 -15.57
CA HIS C 61 -8.47 -29.73 -14.35
C HIS C 61 -7.28 -30.67 -14.10
N ARG C 62 -6.68 -31.21 -15.14
CA ARG C 62 -5.45 -31.99 -14.99
C ARG C 62 -4.24 -31.12 -15.30
N TYR C 63 -3.18 -31.31 -14.52
CA TYR C 63 -1.94 -30.59 -14.77
C TYR C 63 -1.24 -31.09 -16.02
N LYS C 64 -0.48 -30.18 -16.63
CA LYS C 64 0.50 -30.55 -17.64
C LYS C 64 1.59 -31.37 -16.97
N PRO C 65 2.14 -32.41 -17.65
CA PRO C 65 3.17 -33.26 -17.04
C PRO C 65 4.48 -32.57 -16.65
N ASN C 66 5.26 -33.25 -15.82
CA ASN C 66 6.57 -32.85 -15.27
C ASN C 66 6.51 -31.61 -14.38
N THR C 67 5.34 -31.23 -13.88
CA THR C 67 5.22 -30.01 -13.07
C THR C 67 5.39 -30.29 -11.58
N THR C 68 5.82 -29.24 -10.86
CA THR C 68 6.05 -29.27 -9.41
C THR C 68 5.29 -28.13 -8.73
N PHE C 69 5.03 -28.30 -7.44
CA PHE C 69 4.40 -27.26 -6.62
C PHE C 69 5.39 -26.12 -6.31
N ASP C 70 6.70 -26.40 -6.39
CA ASP C 70 7.70 -25.37 -6.21
C ASP C 70 7.66 -24.31 -7.31
N GLN C 71 7.19 -24.68 -8.51
CA GLN C 71 6.92 -23.69 -9.55
C GLN C 71 5.77 -22.75 -9.18
N VAL C 72 4.77 -23.26 -8.47
CA VAL C 72 3.67 -22.41 -7.99
C VAL C 72 4.18 -21.42 -6.94
N MET C 73 5.02 -21.91 -6.02
CA MET C 73 5.70 -21.01 -5.07
C MET C 73 6.63 -20.01 -5.75
N MET C 74 7.26 -20.40 -6.87
CA MET C 74 8.13 -19.52 -7.64
C MET C 74 7.34 -18.36 -8.25
N LEU C 75 6.21 -18.67 -8.89
CA LEU C 75 5.37 -17.63 -9.50
C LEU C 75 4.77 -16.69 -8.45
N TYR C 76 4.37 -17.26 -7.30
CA TYR C 76 3.78 -16.45 -6.22
C TYR C 76 4.81 -15.47 -5.63
N ARG C 77 6.03 -15.94 -5.38
CA ARG C 77 7.05 -15.07 -4.80
C ARG C 77 7.55 -14.03 -5.80
N PHE C 78 7.55 -14.33 -7.11
CA PHE C 78 7.86 -13.32 -8.11
C PHE C 78 6.81 -12.21 -8.15
N ASP C 79 5.52 -12.58 -8.14
CA ASP C 79 4.47 -11.55 -8.18
C ASP C 79 4.44 -10.71 -6.91
N LYS C 80 4.75 -11.33 -5.76
CA LYS C 80 4.86 -10.61 -4.50
C LYS C 80 6.00 -9.60 -4.52
N LYS C 81 7.14 -9.95 -5.12
CA LYS C 81 8.24 -8.99 -5.17
C LYS C 81 7.99 -7.89 -6.21
N LEU C 82 7.30 -8.25 -7.31
CA LEU C 82 7.01 -7.29 -8.38
C LEU C 82 6.08 -6.18 -7.94
N ARG C 83 5.06 -6.49 -7.13
CA ARG C 83 4.16 -5.45 -6.64
C ARG C 83 4.87 -4.44 -5.72
N LEU C 84 5.83 -4.91 -4.92
CA LEU C 84 6.62 -4.03 -4.07
C LEU C 84 7.54 -3.14 -4.88
N LEU C 85 8.14 -3.71 -5.95
CA LEU C 85 8.99 -2.93 -6.85
C LEU C 85 8.19 -1.83 -7.55
N ILE C 86 6.94 -2.10 -7.90
CA ILE C 86 6.14 -1.08 -8.56
C ILE C 86 5.70 0.01 -7.55
N PHE C 87 5.32 -0.40 -6.33
CA PHE C 87 4.83 0.53 -5.30
C PHE C 87 5.89 1.53 -4.84
N ASN C 88 7.14 1.05 -4.70
CA ASN C 88 8.24 1.90 -4.25
C ASN C 88 8.51 3.06 -5.21
N GLU C 89 8.26 2.85 -6.50
CA GLU C 89 8.47 3.92 -7.45
C GLU C 89 7.21 4.76 -7.68
N ILE C 90 6.02 4.19 -7.45
CA ILE C 90 4.79 4.98 -7.53
C ILE C 90 4.74 6.08 -6.46
N GLU C 91 5.28 5.79 -5.25
CA GLU C 91 5.26 6.76 -4.12
C GLU C 91 5.85 8.14 -4.44
N LYS C 92 6.92 8.18 -5.24
CA LYS C 92 7.59 9.42 -5.61
C LYS C 92 6.69 10.30 -6.49
N ILE C 93 6.02 9.69 -7.46
CA ILE C 93 5.10 10.39 -8.35
C ILE C 93 3.88 10.87 -7.58
N GLU C 94 3.41 10.03 -6.65
CA GLU C 94 2.26 10.34 -5.81
C GLU C 94 2.51 11.52 -4.88
N VAL C 95 3.77 11.77 -4.51
CA VAL C 95 4.10 13.02 -3.82
C VAL C 95 4.23 14.20 -4.78
N ALA C 96 4.93 13.96 -5.91
CA ALA C 96 5.33 15.04 -6.81
C ALA C 96 4.15 15.71 -7.50
N VAL C 97 3.12 14.93 -7.87
CA VAL C 97 1.95 15.50 -8.54
C VAL C 97 1.16 16.40 -7.59
N ARG C 98 1.05 15.99 -6.31
CA ARG C 98 0.41 16.79 -5.28
C ARG C 98 1.10 18.13 -5.08
N SER C 99 2.43 18.09 -4.92
CA SER C 99 3.20 19.31 -4.72
C SER C 99 3.15 20.23 -5.94
N ALA C 100 3.21 19.65 -7.14
CA ALA C 100 3.16 20.43 -8.37
C ALA C 100 1.82 21.14 -8.56
N ILE C 101 0.71 20.45 -8.23
CA ILE C 101 -0.62 21.07 -8.32
C ILE C 101 -0.76 22.22 -7.32
N VAL C 102 -0.30 22.01 -6.07
CA VAL C 102 -0.42 23.06 -5.04
C VAL C 102 0.44 24.28 -5.39
N ASN C 103 1.68 24.04 -5.82
CA ASN C 103 2.61 25.14 -6.10
C ASN C 103 2.19 25.94 -7.32
N ILE C 104 1.81 25.26 -8.42
CA ILE C 104 1.48 26.00 -9.62
C ILE C 104 0.13 26.70 -9.47
N GLY C 105 -0.82 26.11 -8.72
CA GLY C 105 -2.06 26.81 -8.40
C GLY C 105 -1.87 28.06 -7.56
N SER C 106 -1.00 27.98 -6.54
CA SER C 106 -0.75 29.17 -5.72
C SER C 106 0.07 30.21 -6.45
N ASP C 107 0.94 29.80 -7.39
CA ASP C 107 1.69 30.76 -8.19
C ASP C 107 0.79 31.49 -9.19
N MET C 108 -0.02 30.75 -9.95
CA MET C 108 -0.77 31.36 -11.04
C MET C 108 -2.10 31.93 -10.62
N ILE C 109 -2.57 31.63 -9.40
CA ILE C 109 -3.81 32.22 -8.93
C ILE C 109 -3.57 33.40 -8.00
N GLY C 110 -2.53 33.36 -7.17
CA GLY C 110 -2.29 34.43 -6.22
C GLY C 110 -3.10 34.35 -4.95
N SER C 111 -3.53 33.16 -4.57
CA SER C 111 -4.22 32.90 -3.31
C SER C 111 -3.67 31.63 -2.69
N PRO C 112 -3.57 31.57 -1.37
CA PRO C 112 -3.29 30.29 -0.71
C PRO C 112 -4.49 29.36 -0.66
N PHE C 113 -5.70 29.87 -0.87
CA PHE C 113 -6.93 29.15 -0.57
C PHE C 113 -7.72 28.77 -1.81
N TRP C 114 -7.03 28.54 -2.94
CA TRP C 114 -7.71 28.42 -4.23
C TRP C 114 -8.50 27.12 -4.40
N MET C 115 -8.16 26.07 -3.64
CA MET C 115 -8.89 24.81 -3.74
C MET C 115 -10.29 24.86 -3.15
N THR C 116 -10.66 25.91 -2.44
CA THR C 116 -11.92 25.94 -1.70
C THR C 116 -13.05 26.66 -2.43
N ASP C 117 -12.78 27.33 -3.55
CA ASP C 117 -13.76 28.18 -4.21
C ASP C 117 -14.23 27.54 -5.50
N GLY C 118 -15.55 27.43 -5.65
CA GLY C 118 -16.16 26.80 -6.81
C GLY C 118 -16.00 27.56 -8.12
N SER C 119 -15.68 28.85 -8.05
CA SER C 119 -15.53 29.65 -9.26
C SER C 119 -14.28 29.28 -10.06
N ASN C 120 -13.30 28.63 -9.42
CA ASN C 120 -12.12 28.19 -10.15
C ASN C 120 -12.26 26.83 -10.80
N PHE C 121 -13.38 26.14 -10.62
CA PHE C 121 -13.58 24.82 -11.20
C PHE C 121 -14.76 24.81 -12.17
N ILE C 122 -14.69 23.87 -13.13
CA ILE C 122 -15.59 23.84 -14.29
C ILE C 122 -17.02 23.54 -13.87
N ASP C 123 -17.23 22.38 -13.24
CA ASP C 123 -18.58 21.93 -12.92
C ASP C 123 -18.77 21.92 -11.42
N PRO C 124 -19.72 22.70 -10.89
CA PRO C 124 -20.13 22.54 -9.48
C PRO C 124 -20.73 21.18 -9.15
N ARG C 125 -21.26 20.47 -10.15
CA ARG C 125 -21.83 19.13 -9.98
C ARG C 125 -20.77 18.10 -9.54
N LYS C 126 -19.49 18.34 -9.81
CA LYS C 126 -18.43 17.52 -9.26
C LYS C 126 -17.70 18.19 -8.10
N PHE C 127 -17.64 19.53 -8.08
CA PHE C 127 -16.99 20.28 -7.00
C PHE C 127 -17.72 20.10 -5.68
N ARG C 128 -19.04 20.29 -5.67
CA ARG C 128 -19.83 20.10 -4.47
C ARG C 128 -19.94 18.63 -4.07
N HIS C 129 -19.67 17.70 -5.00
CA HIS C 129 -19.49 16.30 -4.64
C HIS C 129 -18.15 16.07 -3.94
N THR C 130 -17.08 16.69 -4.43
CA THR C 130 -15.74 16.49 -3.86
C THR C 130 -15.63 17.17 -2.48
N MET C 131 -16.39 18.24 -2.27
CA MET C 131 -16.45 18.91 -0.96
C MET C 131 -17.01 18.00 0.13
N ASP C 132 -17.85 17.02 -0.24
CA ASP C 132 -18.27 15.99 0.71
C ASP C 132 -17.10 15.14 1.19
N LEU C 133 -16.18 14.78 0.28
CA LEU C 133 -15.02 13.99 0.67
C LEU C 133 -14.04 14.82 1.50
N ILE C 134 -13.89 16.10 1.17
CA ILE C 134 -13.03 17.00 1.94
C ILE C 134 -13.57 17.18 3.36
N ASP C 135 -14.89 17.39 3.48
CA ASP C 135 -15.51 17.52 4.79
C ASP C 135 -15.51 16.21 5.56
N ALA C 136 -15.57 15.07 4.84
CA ALA C 136 -15.52 13.78 5.50
C ALA C 136 -14.14 13.45 6.01
N GLU C 137 -13.09 13.95 5.36
CA GLU C 137 -11.75 13.77 5.90
C GLU C 137 -11.46 14.74 7.04
N LEU C 138 -11.87 16.01 6.91
CA LEU C 138 -11.64 16.94 8.01
C LEU C 138 -12.60 16.72 9.18
N GLY C 139 -13.71 16.00 8.96
CA GLY C 139 -14.57 15.65 10.08
C GLY C 139 -14.04 14.54 10.96
N ARG C 140 -13.04 13.82 10.50
CA ARG C 140 -12.46 12.69 11.24
C ARG C 140 -10.98 12.86 11.57
N SER C 141 -10.27 13.75 10.89
CA SER C 141 -8.83 13.89 11.10
C SER C 141 -8.53 14.52 12.46
N ARG C 142 -7.52 13.98 13.14
CA ARG C 142 -7.08 14.48 14.43
C ARG C 142 -5.57 14.67 14.48
N GLU C 143 -4.92 14.84 13.33
CA GLU C 143 -3.48 14.91 13.21
C GLU C 143 -2.88 16.16 13.86
N ASP C 144 -1.53 16.20 13.80
CA ASP C 144 -0.71 17.12 14.57
C ASP C 144 -0.97 18.59 14.23
N PHE C 145 -1.20 18.88 12.95
CA PHE C 145 -1.28 20.24 12.46
C PHE C 145 -2.69 20.72 12.14
N ILE C 146 -3.64 19.80 11.94
CA ILE C 146 -4.99 20.16 11.53
C ILE C 146 -5.73 20.87 12.67
N VAL C 147 -5.69 20.27 13.86
CA VAL C 147 -6.50 20.75 14.97
C VAL C 147 -5.93 22.05 15.55
N HIS C 148 -4.60 22.21 15.55
CA HIS C 148 -4.01 23.48 15.98
C HIS C 148 -4.31 24.60 15.01
N PHE C 149 -4.44 24.28 13.72
CA PHE C 149 -4.85 25.26 12.73
C PHE C 149 -6.29 25.71 12.98
N LYS C 150 -7.21 24.76 13.16
CA LYS C 150 -8.60 25.19 13.33
C LYS C 150 -8.88 25.75 14.72
N GLN C 151 -8.03 25.47 15.72
CA GLN C 151 -8.07 26.27 16.95
C GLN C 151 -7.61 27.70 16.68
N THR C 152 -6.52 27.85 15.92
CA THR C 152 -5.89 29.16 15.79
C THR C 152 -6.63 30.08 14.82
N TYR C 153 -6.96 29.59 13.62
CA TYR C 153 -7.28 30.46 12.49
C TYR C 153 -8.75 30.41 12.08
N SER C 154 -9.18 31.48 11.40
CA SER C 154 -10.59 31.74 11.17
C SER C 154 -11.15 30.97 9.99
N ASP C 155 -10.40 30.93 8.88
CA ASP C 155 -10.96 30.58 7.58
C ASP C 155 -11.27 29.09 7.47
N ALA C 156 -12.21 28.78 6.55
CA ALA C 156 -12.99 27.54 6.61
C ALA C 156 -12.14 26.29 6.39
N TYR C 157 -11.24 26.33 5.41
CA TYR C 157 -10.38 25.18 5.12
C TYR C 157 -8.93 25.66 5.07
N PRO C 158 -7.97 24.78 5.38
CA PRO C 158 -6.57 25.18 5.37
C PRO C 158 -6.08 25.47 3.96
N PRO C 159 -5.03 26.29 3.82
CA PRO C 159 -4.45 26.52 2.49
C PRO C 159 -3.80 25.27 1.93
N ALA C 160 -3.60 25.30 0.60
CA ALA C 160 -3.51 24.08 -0.22
C ALA C 160 -2.33 23.18 0.16
N TRP C 161 -1.22 23.77 0.60
CA TRP C 161 -0.08 22.96 1.04
C TRP C 161 -0.34 22.22 2.34
N ILE C 162 -1.27 22.69 3.17
CA ILE C 162 -1.68 21.92 4.33
C ILE C 162 -2.64 20.81 3.92
N LEU C 163 -3.63 21.17 3.09
CA LEU C 163 -4.76 20.30 2.80
C LEU C 163 -4.37 19.15 1.89
N ALA C 164 -3.34 19.33 1.06
CA ALA C 164 -2.88 18.26 0.17
C ALA C 164 -2.20 17.10 0.90
N GLU C 165 -1.84 17.26 2.18
CA GLU C 165 -1.24 16.17 2.93
C GLU C 165 -2.25 15.12 3.36
N VAL C 166 -3.52 15.48 3.51
CA VAL C 166 -4.51 14.60 4.14
C VAL C 166 -5.51 14.09 3.12
N LEU C 167 -5.30 14.40 1.84
CA LEU C 167 -6.24 13.92 0.85
C LEU C 167 -5.69 12.70 0.11
N PRO C 168 -6.54 11.72 -0.20
CA PRO C 168 -6.13 10.61 -1.07
C PRO C 168 -5.81 11.06 -2.48
N PHE C 169 -5.05 10.20 -3.18
CA PHE C 169 -4.57 10.52 -4.52
C PHE C 169 -5.69 10.52 -5.55
N GLY C 170 -6.70 9.66 -5.37
CA GLY C 170 -7.88 9.68 -6.22
C GLY C 170 -8.72 10.92 -6.06
N VAL C 171 -8.62 11.61 -4.93
CA VAL C 171 -9.23 12.92 -4.76
C VAL C 171 -8.46 13.99 -5.53
N ILE C 172 -7.13 13.93 -5.44
CA ILE C 172 -6.24 14.93 -6.04
C ILE C 172 -6.34 14.90 -7.56
N THR C 173 -6.30 13.70 -8.15
CA THR C 173 -6.42 13.62 -9.60
C THR C 173 -7.83 13.88 -10.10
N ASN C 174 -8.83 13.88 -9.23
CA ASN C 174 -10.16 14.33 -9.59
C ASN C 174 -10.34 15.83 -9.44
N ILE C 175 -9.57 16.45 -8.54
CA ILE C 175 -9.51 17.91 -8.48
C ILE C 175 -8.80 18.46 -9.71
N PHE C 176 -7.76 17.77 -10.19
CA PHE C 176 -6.95 18.26 -11.33
C PHE C 176 -7.76 18.38 -12.62
N SER C 177 -8.65 17.42 -12.90
CA SER C 177 -9.39 17.43 -14.15
C SER C 177 -10.42 18.55 -14.21
N ASN C 178 -10.80 19.11 -13.06
CA ASN C 178 -11.85 20.10 -12.99
C ASN C 178 -11.36 21.55 -13.06
N ILE C 179 -10.05 21.78 -13.17
CA ILE C 179 -9.49 23.14 -13.12
C ILE C 179 -9.86 23.90 -14.39
N LYS C 180 -10.47 25.08 -14.21
CA LYS C 180 -11.16 25.74 -15.31
C LYS C 180 -10.19 26.41 -16.28
N THR C 181 -9.33 27.30 -15.78
CA THR C 181 -8.42 28.07 -16.60
C THR C 181 -7.33 27.16 -17.19
N ALA C 182 -7.41 26.94 -18.51
CA ALA C 182 -6.63 25.90 -19.17
C ALA C 182 -5.13 26.21 -19.21
N ARG C 183 -4.75 27.49 -19.04
CA ARG C 183 -3.35 27.86 -18.93
C ARG C 183 -2.68 27.24 -17.71
N ILE C 184 -3.43 27.09 -16.61
CA ILE C 184 -2.93 26.45 -15.40
C ILE C 184 -2.68 24.97 -15.65
N LYS C 185 -3.63 24.30 -16.33
CA LYS C 185 -3.50 22.89 -16.68
C LYS C 185 -2.34 22.66 -17.65
N LYS C 186 -2.16 23.57 -18.61
CA LYS C 186 -1.01 23.51 -19.50
C LYS C 186 0.30 23.67 -18.74
N SER C 187 0.34 24.56 -17.74
CA SER C 187 1.58 24.74 -16.97
C SER C 187 1.91 23.51 -16.13
N ILE C 188 0.90 22.89 -15.50
CA ILE C 188 1.12 21.70 -14.69
C ILE C 188 1.54 20.52 -15.56
N ALA C 189 0.89 20.35 -16.72
CA ALA C 189 1.28 19.30 -17.65
C ALA C 189 2.65 19.58 -18.26
N ARG C 190 2.98 20.86 -18.46
CA ARG C 190 4.25 21.24 -19.08
C ARG C 190 5.42 20.99 -18.16
N LYS C 191 5.19 21.07 -16.83
CA LYS C 191 6.24 20.70 -15.88
C LYS C 191 6.60 19.22 -15.99
N PHE C 192 5.61 18.35 -16.19
CA PHE C 192 5.87 16.94 -16.42
C PHE C 192 6.01 16.57 -17.90
N GLY C 193 6.32 17.55 -18.75
CA GLY C 193 6.80 17.30 -20.11
C GLY C 193 5.81 16.67 -21.06
N LEU C 194 4.52 16.95 -20.89
CA LEU C 194 3.49 16.38 -21.75
C LEU C 194 2.43 17.42 -22.03
N GLN C 195 1.59 17.13 -23.02
CA GLN C 195 0.37 17.89 -23.18
C GLN C 195 -0.70 17.37 -22.21
N VAL C 196 -1.85 18.03 -22.21
CA VAL C 196 -2.82 17.91 -21.11
C VAL C 196 -3.51 16.54 -21.09
N ALA C 197 -4.06 16.12 -22.24
CA ALA C 197 -4.83 14.88 -22.29
C ALA C 197 -4.01 13.59 -22.05
N PRO C 198 -2.80 13.38 -22.61
CA PRO C 198 -2.03 12.21 -22.17
C PRO C 198 -1.56 12.29 -20.73
N PHE C 199 -1.41 13.50 -20.17
CA PHE C 199 -1.07 13.63 -18.75
C PHE C 199 -2.23 13.14 -17.88
N GLU C 200 -3.47 13.49 -18.26
CA GLU C 200 -4.65 13.00 -17.55
C GLU C 200 -4.79 11.48 -17.67
N SER C 201 -4.54 10.94 -18.88
CA SER C 201 -4.59 9.49 -19.09
C SER C 201 -3.52 8.77 -18.28
N TRP C 202 -2.33 9.35 -18.19
CA TRP C 202 -1.29 8.65 -17.44
C TRP C 202 -1.46 8.82 -15.94
N LEU C 203 -2.14 9.89 -15.48
CA LEU C 203 -2.53 9.97 -14.08
C LEU C 203 -3.52 8.88 -13.70
N THR C 204 -4.51 8.60 -14.55
CA THR C 204 -5.47 7.56 -14.16
C THR C 204 -4.85 6.16 -14.29
N ILE C 205 -3.89 5.96 -15.20
CA ILE C 205 -3.13 4.70 -15.24
C ILE C 205 -2.27 4.52 -13.97
N VAL C 206 -1.65 5.60 -13.49
CA VAL C 206 -0.86 5.55 -12.26
C VAL C 206 -1.73 5.23 -11.04
N ALA C 207 -2.93 5.81 -10.98
CA ALA C 207 -3.86 5.53 -9.88
C ALA C 207 -4.31 4.07 -9.88
N LEU C 208 -4.64 3.52 -11.05
CA LEU C 208 -5.04 2.11 -11.13
C LEU C 208 -3.88 1.17 -10.82
N THR C 209 -2.66 1.53 -11.25
CA THR C 209 -1.51 0.67 -11.00
C THR C 209 -1.14 0.66 -9.52
N ARG C 210 -1.32 1.80 -8.83
CA ARG C 210 -1.21 1.83 -7.37
C ARG C 210 -2.27 0.96 -6.69
N ASN C 211 -3.51 1.00 -7.19
CA ASN C 211 -4.59 0.20 -6.62
C ASN C 211 -4.33 -1.29 -6.77
N SER C 212 -3.74 -1.69 -7.90
CA SER C 212 -3.35 -3.09 -8.08
C SER C 212 -2.26 -3.51 -7.09
N CYS C 213 -1.35 -2.61 -6.73
CA CYS C 213 -0.27 -2.97 -5.82
C CYS C 213 -0.69 -2.98 -4.36
N CYS C 214 -1.66 -2.15 -3.98
CA CYS C 214 -2.01 -2.08 -2.57
C CYS C 214 -2.85 -3.27 -2.11
N HIS C 215 -3.64 -3.87 -3.00
CA HIS C 215 -4.58 -4.92 -2.61
C HIS C 215 -4.15 -6.31 -3.05
N HIS C 216 -2.87 -6.51 -3.38
CA HIS C 216 -2.21 -7.81 -3.59
C HIS C 216 -2.82 -8.62 -4.72
N ALA C 217 -3.26 -7.96 -5.79
CA ALA C 217 -3.85 -8.65 -6.92
C ALA C 217 -2.77 -9.33 -7.78
N ARG C 218 -3.20 -10.29 -8.59
CA ARG C 218 -2.32 -10.90 -9.57
C ARG C 218 -1.99 -9.90 -10.67
N VAL C 219 -0.70 -9.74 -10.95
CA VAL C 219 -0.18 -8.60 -11.70
C VAL C 219 0.54 -9.04 -12.98
N TRP C 220 1.38 -10.07 -12.89
CA TRP C 220 2.38 -10.38 -13.93
C TRP C 220 1.80 -10.81 -15.28
N ASN C 221 0.74 -11.63 -15.30
CA ASN C 221 0.14 -12.04 -16.56
C ASN C 221 -1.32 -11.60 -16.67
N LYS C 222 -1.64 -10.50 -16.00
CA LYS C 222 -2.99 -9.97 -15.99
C LYS C 222 -3.22 -9.09 -17.21
N GLN C 223 -4.34 -9.32 -17.90
CA GLN C 223 -4.77 -8.43 -18.96
C GLN C 223 -5.32 -7.13 -18.37
N ASN C 224 -4.84 -6.00 -18.88
CA ASN C 224 -5.42 -4.72 -18.54
C ASN C 224 -6.58 -4.44 -19.50
N THR C 225 -7.42 -3.44 -19.18
CA THR C 225 -8.55 -3.12 -20.05
C THR C 225 -8.61 -1.63 -20.36
N ILE C 226 -8.05 -0.81 -19.49
CA ILE C 226 -8.09 0.64 -19.65
C ILE C 226 -6.81 1.03 -20.38
N ARG C 227 -6.95 1.31 -21.68
CA ARG C 227 -5.81 1.50 -22.57
C ARG C 227 -5.23 2.90 -22.42
N PRO C 228 -3.92 3.04 -22.26
CA PRO C 228 -3.33 4.37 -22.17
C PRO C 228 -3.29 5.09 -23.51
N MET C 229 -3.24 6.42 -23.43
CA MET C 229 -3.18 7.28 -24.60
C MET C 229 -1.74 7.40 -25.09
N ILE C 230 -1.58 7.61 -26.40
CA ILE C 230 -0.27 7.78 -27.02
C ILE C 230 -0.06 9.26 -27.29
N PRO C 231 0.94 9.91 -26.68
CA PRO C 231 1.15 11.34 -26.92
C PRO C 231 1.78 11.62 -28.27
N ASN C 232 1.43 12.77 -28.85
CA ASN C 232 2.07 13.25 -30.07
C ASN C 232 3.21 14.24 -29.79
N ARG C 233 3.03 15.11 -28.79
CA ARG C 233 4.05 16.07 -28.41
C ARG C 233 4.79 15.57 -27.18
N MET C 234 6.12 15.62 -27.23
CA MET C 234 6.96 15.04 -26.19
C MET C 234 8.05 16.00 -25.77
N THR C 235 8.56 15.78 -24.56
CA THR C 235 9.72 16.50 -24.05
C THR C 235 10.65 15.50 -23.36
N GLY C 236 10.84 14.34 -23.97
CA GLY C 236 11.68 13.33 -23.34
C GLY C 236 11.73 12.05 -24.17
N ARG C 237 12.45 11.08 -23.63
CA ARG C 237 12.71 9.83 -24.31
C ARG C 237 11.46 8.94 -24.28
N TRP C 238 11.29 8.09 -25.30
CA TRP C 238 10.12 7.23 -25.38
C TRP C 238 10.44 6.00 -26.24
N ILE C 239 9.48 5.05 -26.22
CA ILE C 239 9.53 3.77 -26.92
C ILE C 239 9.61 3.98 -28.44
N ILE C 240 10.24 3.02 -29.15
CA ILE C 240 10.23 3.03 -30.61
C ILE C 240 9.54 1.78 -31.15
N LEU C 241 9.92 0.61 -30.61
CA LEU C 241 9.47 -0.70 -31.06
C LEU C 241 8.00 -0.90 -30.66
N PRO C 242 7.19 -1.52 -31.51
CA PRO C 242 5.76 -1.68 -31.17
C PRO C 242 5.54 -2.70 -30.05
N THR C 243 4.78 -2.28 -29.05
CA THR C 243 4.53 -3.07 -27.86
C THR C 243 3.04 -3.23 -27.60
N ASP C 244 2.70 -4.29 -26.88
CA ASP C 244 1.32 -4.54 -26.48
C ASP C 244 0.99 -3.58 -25.34
N ALA C 245 -0.12 -2.86 -25.50
CA ALA C 245 -0.47 -1.81 -24.54
C ALA C 245 -1.00 -2.37 -23.23
N LEU C 246 -1.70 -3.50 -23.27
CA LEU C 246 -2.52 -3.94 -22.16
C LEU C 246 -1.84 -4.95 -21.25
N ARG C 247 -0.53 -5.10 -21.34
CA ARG C 247 0.20 -5.89 -20.36
C ARG C 247 0.84 -4.97 -19.33
N ILE C 248 1.67 -5.54 -18.46
CA ILE C 248 2.17 -4.81 -17.30
C ILE C 248 3.33 -3.87 -17.70
N TYR C 249 3.93 -4.09 -18.88
CA TYR C 249 5.10 -3.35 -19.37
C TYR C 249 4.84 -1.85 -19.55
N PHE C 250 3.66 -1.49 -20.06
CA PHE C 250 3.40 -0.11 -20.42
C PHE C 250 3.27 0.77 -19.18
N ASN C 251 2.76 0.19 -18.08
CA ASN C 251 2.69 0.90 -16.81
C ASN C 251 4.07 1.22 -16.26
N LEU C 252 5.02 0.28 -16.40
CA LEU C 252 6.40 0.52 -16.02
C LEU C 252 7.04 1.60 -16.87
N CYS C 253 6.68 1.65 -18.17
CA CYS C 253 7.17 2.72 -19.04
C CYS C 253 6.66 4.10 -18.63
N ILE C 254 5.37 4.19 -18.26
CA ILE C 254 4.79 5.46 -17.81
C ILE C 254 5.44 5.93 -16.50
N ILE C 255 5.64 5.00 -15.55
CA ILE C 255 6.28 5.33 -14.28
C ILE C 255 7.73 5.77 -14.50
N LYS C 256 8.42 5.12 -15.46
CA LYS C 256 9.77 5.54 -15.83
C LYS C 256 9.80 6.94 -16.47
N TYR C 257 8.79 7.25 -17.28
CA TYR C 257 8.74 8.57 -17.93
C TYR C 257 8.52 9.69 -16.92
N PHE C 258 7.63 9.48 -15.95
CA PHE C 258 7.50 10.48 -14.87
C PHE C 258 8.75 10.53 -13.99
N LEU C 259 9.37 9.37 -13.75
CA LEU C 259 10.52 9.28 -12.86
C LEU C 259 11.75 9.98 -13.45
N ASP C 260 11.91 9.94 -14.77
CA ASP C 260 13.04 10.62 -15.41
C ASP C 260 12.95 12.14 -15.32
N ILE C 261 11.75 12.69 -15.14
CA ILE C 261 11.60 14.12 -14.92
C ILE C 261 11.71 14.46 -13.43
N ILE C 262 11.16 13.60 -12.56
CA ILE C 262 11.26 13.84 -11.12
C ILE C 262 12.69 13.64 -10.62
N SER C 263 13.33 12.55 -11.01
CA SER C 263 14.68 12.23 -10.54
C SER C 263 15.50 11.73 -11.72
N PRO C 264 16.31 12.60 -12.34
CA PRO C 264 17.10 12.19 -13.51
C PRO C 264 18.13 11.09 -13.25
N GLN C 265 18.69 11.02 -12.05
CA GLN C 265 19.69 10.03 -11.70
C GLN C 265 19.10 8.74 -11.14
N ASN C 266 17.85 8.41 -11.46
CA ASN C 266 17.15 7.28 -10.88
C ASN C 266 17.72 5.94 -11.38
N ASP C 267 17.30 4.87 -10.71
CA ASP C 267 17.83 3.53 -10.93
C ASP C 267 16.75 2.45 -11.09
N MET C 268 15.62 2.78 -11.74
CA MET C 268 14.51 1.83 -11.86
C MET C 268 14.84 0.64 -12.74
N LYS C 269 15.66 0.83 -13.79
CA LYS C 269 16.09 -0.29 -14.62
C LYS C 269 16.94 -1.28 -13.82
N ALA C 270 17.81 -0.77 -12.93
CA ALA C 270 18.62 -1.62 -12.08
C ALA C 270 17.77 -2.44 -11.11
N LYS C 271 16.59 -1.94 -10.74
CA LYS C 271 15.64 -2.76 -10.00
C LYS C 271 15.02 -3.84 -10.89
N ILE C 272 14.57 -3.45 -12.09
CA ILE C 272 13.77 -4.34 -12.94
C ILE C 272 14.61 -5.50 -13.49
N ASP C 273 15.85 -5.22 -13.93
CA ASP C 273 16.70 -6.29 -14.48
C ASP C 273 17.14 -7.27 -13.40
N ALA C 274 17.46 -6.76 -12.20
CA ALA C 274 17.81 -7.63 -11.08
C ALA C 274 16.64 -8.50 -10.65
N LEU C 275 15.42 -7.95 -10.69
CA LEU C 275 14.22 -8.76 -10.45
C LEU C 275 14.04 -9.86 -11.49
N LEU C 276 14.16 -9.51 -12.77
CA LEU C 276 13.91 -10.50 -13.83
C LEU C 276 15.03 -11.54 -13.93
N SER C 277 16.27 -11.15 -13.61
CA SER C 277 17.37 -12.11 -13.63
C SER C 277 17.33 -13.01 -12.39
N SER C 278 16.91 -12.47 -11.25
CA SER C 278 16.90 -13.25 -10.02
C SER C 278 15.81 -14.32 -10.03
N TYR C 279 14.74 -14.10 -10.79
CA TYR C 279 13.65 -15.06 -10.90
C TYR C 279 13.51 -15.55 -12.33
N SER C 280 14.64 -15.96 -12.93
CA SER C 280 14.82 -16.11 -14.38
C SER C 280 13.99 -17.20 -15.04
N SER C 281 13.23 -18.01 -14.29
CA SER C 281 12.51 -19.12 -14.89
C SER C 281 11.13 -18.74 -15.43
N ILE C 282 10.91 -17.46 -15.70
CA ILE C 282 9.60 -16.94 -16.07
C ILE C 282 9.68 -16.30 -17.45
N ASP C 283 8.70 -16.60 -18.31
CA ASP C 283 8.76 -16.14 -19.69
C ASP C 283 8.30 -14.69 -19.79
N ILE C 284 9.18 -13.85 -20.32
CA ILE C 284 9.02 -12.40 -20.38
C ILE C 284 7.87 -11.99 -21.32
N ASN C 285 7.60 -12.79 -22.36
CA ASN C 285 6.54 -12.51 -23.33
C ASN C 285 5.14 -12.54 -22.72
N ALA C 286 4.95 -13.21 -21.58
CA ALA C 286 3.69 -13.13 -20.87
C ALA C 286 3.52 -11.78 -20.20
N MET C 287 4.64 -11.14 -19.83
CA MET C 287 4.61 -9.83 -19.20
C MET C 287 4.56 -8.68 -20.20
N GLY C 288 4.69 -8.95 -21.49
CA GLY C 288 4.44 -7.94 -22.50
C GLY C 288 5.61 -7.08 -22.90
N PHE C 289 6.80 -7.34 -22.37
CA PHE C 289 8.02 -6.77 -22.92
C PHE C 289 8.24 -7.31 -24.33
N PRO C 290 8.41 -6.46 -25.33
CA PRO C 290 8.94 -6.94 -26.60
C PRO C 290 10.42 -7.24 -26.48
N ARG C 291 10.90 -8.08 -27.40
CA ARG C 291 12.29 -8.53 -27.35
C ARG C 291 13.24 -7.39 -27.69
N GLY C 292 14.33 -7.28 -26.93
CA GLY C 292 15.25 -6.19 -27.14
C GLY C 292 14.82 -4.87 -26.53
N TRP C 293 14.15 -4.92 -25.37
CA TRP C 293 13.69 -3.71 -24.69
C TRP C 293 14.82 -2.87 -24.10
N GLU C 294 16.04 -3.41 -24.02
CA GLU C 294 17.21 -2.66 -23.54
C GLU C 294 17.66 -1.57 -24.52
N SER C 295 17.20 -1.61 -25.76
CA SER C 295 17.75 -0.75 -26.81
C SER C 295 17.11 0.63 -26.86
N GLU C 296 16.05 0.87 -26.09
CA GLU C 296 15.25 2.08 -26.23
C GLU C 296 15.86 3.27 -25.48
N PRO C 297 15.64 4.50 -25.98
CA PRO C 297 16.15 5.70 -25.29
C PRO C 297 15.57 5.94 -23.90
N LEU C 298 14.38 5.43 -23.60
CA LEU C 298 13.79 5.60 -22.28
C LEU C 298 14.54 4.82 -21.22
N TRP C 299 15.11 3.68 -21.58
CA TRP C 299 15.75 2.78 -20.64
C TRP C 299 17.27 2.88 -20.61
N GLN C 300 17.86 3.91 -21.20
CA GLN C 300 19.31 4.08 -21.09
C GLN C 300 19.69 4.82 -19.81
#